data_4G6K
#
_entry.id   4G6K
#
_cell.length_a   74.345
_cell.length_b   75.092
_cell.length_c   88.862
_cell.angle_alpha   90.00
_cell.angle_beta   90.00
_cell.angle_gamma   90.00
#
_symmetry.space_group_name_H-M   'P 21 21 21'
#
loop_
_entity.id
_entity.type
_entity.pdbx_description
1 polymer 'heavy chain of gevokizumab antibody binding fragment'
2 polymer 'light chain of gevokizumab antibody binding fragment'
3 water water
#
loop_
_entity_poly.entity_id
_entity_poly.type
_entity_poly.pdbx_seq_one_letter_code
_entity_poly.pdbx_strand_id
1 'polypeptide(L)'
;QVQLQESGPGLVKPSQTLSLTCSFSGFSLSTSGMGVGWIRQPSGKGLEWLAHIWWDGDESYNPSLKSRLTISKDTSKNQV
SLKITSVTAADTAVYFCARNRYDPPWFVDWGQGTLVTVSSASTKGPSVFPLAPSSKSTSGGTAALGCLVKDYFPEPVTVS
WNSGALTSGVHTFPAVLQSSGLYSLSSVVTVPSSSLGTQTYICNVNHKPSNTKVDKRVEP
;
H
2 'polypeptide(L)'
;DIQMTQSTSSLSASVGDRVTITCRASQDISNYLSWYQQKPGKAVKLLIYYTSKLHSGVPSRFSGSGSGTDYTLTISSLQQ
EDFATYFCLQGKMLPWTFGQGTKLEIKRTVAAPSVFIFPPSDEQLKSGTASVVCLLNNFYPREAKVQWKVDNALQSGNSQ
ESVTEQDSKDSTYSLSSTLTLSKADYEKHKVYACEVTHQGLSSPVTKSFNRG
;
L
#
# COMPACT_ATOMS: atom_id res chain seq x y z
N GLN A 1 -0.42 -23.61 1.52
CA GLN A 1 -1.01 -24.39 2.61
C GLN A 1 -0.92 -23.60 3.93
N VAL A 2 0.28 -23.10 4.25
CA VAL A 2 0.57 -22.32 5.46
C VAL A 2 -0.07 -20.93 5.41
N GLN A 3 -0.73 -20.52 6.51
CA GLN A 3 -1.35 -19.21 6.65
C GLN A 3 -0.93 -18.57 7.96
N LEU A 4 -0.60 -17.27 7.92
CA LEU A 4 -0.24 -16.47 9.10
C LEU A 4 -1.06 -15.19 9.07
N GLN A 5 -1.56 -14.76 10.23
CA GLN A 5 -2.36 -13.54 10.32
C GLN A 5 -2.03 -12.78 11.58
N GLU A 6 -1.63 -11.53 11.40
CA GLU A 6 -1.31 -10.61 12.49
C GLU A 6 -2.58 -9.89 12.92
N SER A 7 -2.70 -9.61 14.21
CA SER A 7 -3.80 -8.86 14.80
C SER A 7 -3.25 -7.92 15.86
N GLY A 8 -3.86 -6.75 15.96
CA GLY A 8 -3.47 -5.71 16.90
C GLY A 8 -4.59 -4.73 17.18
N PRO A 9 -4.38 -3.77 18.11
CA PRO A 9 -5.45 -2.80 18.41
C PRO A 9 -5.71 -1.71 17.36
N GLY A 10 -4.78 -1.54 16.42
CA GLY A 10 -4.90 -0.55 15.36
C GLY A 10 -4.48 0.87 15.73
N LEU A 11 -4.92 1.33 16.91
CA LEU A 11 -4.61 2.64 17.46
C LEU A 11 -4.22 2.49 18.94
N VAL A 12 -3.03 3.01 19.29
CA VAL A 12 -2.46 2.98 20.65
C VAL A 12 -2.01 4.40 20.98
N LYS A 13 -2.19 4.82 22.23
CA LYS A 13 -1.78 6.15 22.67
C LYS A 13 -0.29 6.16 23.00
N PRO A 14 0.44 7.30 22.83
CA PRO A 14 1.87 7.33 23.22
C PRO A 14 2.07 6.99 24.70
N SER A 15 3.18 6.28 25.02
CA SER A 15 3.62 5.78 26.33
C SER A 15 2.97 4.45 26.76
N GLN A 16 1.88 4.03 26.08
CA GLN A 16 1.18 2.78 26.39
C GLN A 16 1.90 1.55 25.82
N THR A 17 1.41 0.35 26.17
CA THR A 17 1.96 -0.92 25.71
C THR A 17 1.15 -1.43 24.52
N LEU A 18 1.87 -1.78 23.43
CA LEU A 18 1.28 -2.35 22.21
C LEU A 18 1.36 -3.88 22.30
N SER A 19 0.22 -4.55 22.10
CA SER A 19 0.14 -6.01 22.11
C SER A 19 -0.26 -6.50 20.71
N LEU A 20 0.55 -7.40 20.14
CA LEU A 20 0.33 -7.97 18.81
C LEU A 20 0.28 -9.48 18.87
N THR A 21 -0.56 -10.11 18.03
CA THR A 21 -0.66 -11.57 17.98
C THR A 21 -0.52 -12.05 16.54
N CYS A 22 0.20 -13.17 16.36
CA CYS A 22 0.40 -13.86 15.10
C CYS A 22 -0.29 -15.22 15.23
N SER A 23 -1.38 -15.43 14.47
CA SER A 23 -2.13 -16.68 14.48
C SER A 23 -1.83 -17.42 13.19
N PHE A 24 -1.46 -18.70 13.32
CA PHE A 24 -1.07 -19.50 12.15
C PHE A 24 -1.69 -20.89 12.05
N SER A 25 -1.62 -21.48 10.84
CA SER A 25 -2.09 -22.82 10.51
C SER A 25 -1.18 -23.41 9.44
N GLY A 26 -1.19 -24.74 9.29
CA GLY A 26 -0.41 -25.43 8.28
C GLY A 26 0.94 -25.95 8.75
N PHE A 27 1.36 -25.52 9.96
CA PHE A 27 2.61 -25.93 10.60
C PHE A 27 2.45 -25.84 12.11
N SER A 28 3.35 -26.51 12.85
CA SER A 28 3.35 -26.47 14.30
C SER A 28 4.64 -25.81 14.79
N LEU A 29 4.53 -24.95 15.80
CA LEU A 29 5.71 -24.32 16.38
C LEU A 29 6.39 -25.28 17.40
N SER A 30 5.86 -26.51 17.55
CA SER A 30 6.47 -27.52 18.41
C SER A 30 7.43 -28.41 17.58
N THR A 31 7.36 -28.29 16.23
CA THR A 31 8.21 -29.04 15.30
C THR A 31 9.66 -28.59 15.46
N SER A 32 10.59 -29.55 15.66
CA SER A 32 12.03 -29.27 15.83
C SER A 32 12.56 -28.40 14.67
N GLY A 33 13.23 -27.29 15.02
CA GLY A 33 13.79 -26.35 14.05
C GLY A 33 12.91 -25.15 13.75
N MET A 34 11.61 -25.23 14.08
CA MET A 34 10.65 -24.15 13.79
C MET A 34 10.86 -22.87 14.59
N GLY A 35 10.60 -21.75 13.94
CA GLY A 35 10.70 -20.43 14.54
C GLY A 35 9.71 -19.46 13.93
N VAL A 36 9.40 -18.39 14.67
CA VAL A 36 8.50 -17.33 14.22
C VAL A 36 9.15 -16.00 14.58
N GLY A 37 9.19 -15.10 13.61
CA GLY A 37 9.77 -13.78 13.81
C GLY A 37 8.78 -12.66 13.58
N TRP A 38 9.09 -11.47 14.12
CA TRP A 38 8.34 -10.23 13.95
C TRP A 38 9.23 -9.25 13.21
N ILE A 39 8.67 -8.60 12.18
CA ILE A 39 9.31 -7.62 11.32
C ILE A 39 8.34 -6.44 11.20
N ARG A 40 8.86 -5.19 11.16
CA ARG A 40 8.01 -4.02 10.98
C ARG A 40 8.44 -3.16 9.79
N GLN A 41 7.50 -2.32 9.29
CA GLN A 41 7.77 -1.43 8.18
C GLN A 41 7.05 -0.09 8.36
N PRO A 42 7.78 0.99 8.74
CA PRO A 42 7.14 2.32 8.82
C PRO A 42 6.80 2.80 7.40
N SER A 43 5.75 3.64 7.26
CA SER A 43 5.28 4.17 5.96
C SER A 43 6.41 4.73 5.10
N GLY A 44 6.52 4.20 3.88
CA GLY A 44 7.55 4.59 2.91
C GLY A 44 8.96 4.13 3.23
N LYS A 45 9.15 3.39 4.33
CA LYS A 45 10.47 2.90 4.76
C LYS A 45 10.65 1.40 4.45
N GLY A 46 11.80 0.85 4.82
CA GLY A 46 12.14 -0.55 4.59
C GLY A 46 11.73 -1.47 5.73
N LEU A 47 12.16 -2.73 5.64
CA LEU A 47 11.88 -3.76 6.63
C LEU A 47 12.90 -3.73 7.76
N GLU A 48 12.44 -3.87 9.01
CA GLU A 48 13.28 -3.90 10.19
C GLU A 48 12.93 -5.15 11.00
N TRP A 49 13.95 -5.99 11.29
CA TRP A 49 13.69 -7.19 12.10
C TRP A 49 13.57 -6.77 13.57
N LEU A 50 12.56 -7.30 14.28
CA LEU A 50 12.30 -6.95 15.69
C LEU A 50 12.64 -8.05 16.67
N ALA A 51 11.97 -9.21 16.55
CA ALA A 51 12.14 -10.31 17.49
C ALA A 51 11.93 -11.67 16.84
N HIS A 52 12.33 -12.73 17.54
CA HIS A 52 12.20 -14.11 17.07
C HIS A 52 12.11 -15.06 18.26
N ILE A 53 11.39 -16.17 18.06
CA ILE A 53 11.24 -17.22 19.07
C ILE A 53 11.32 -18.58 18.39
N TRP A 54 12.10 -19.49 18.97
CA TRP A 54 12.27 -20.85 18.46
C TRP A 54 11.28 -21.79 19.17
N TRP A 55 11.12 -23.01 18.63
CA TRP A 55 10.29 -24.08 19.18
C TRP A 55 10.68 -24.43 20.62
N ASP A 56 11.97 -24.25 20.98
CA ASP A 56 12.50 -24.55 22.31
C ASP A 56 12.36 -23.36 23.27
N GLY A 57 11.71 -22.30 22.79
CA GLY A 57 11.46 -21.10 23.58
C GLY A 57 12.54 -20.04 23.56
N ASP A 58 13.68 -20.29 22.88
CA ASP A 58 14.78 -19.32 22.81
C ASP A 58 14.37 -18.04 22.10
N GLU A 59 14.50 -16.90 22.79
CA GLU A 59 14.12 -15.57 22.31
C GLU A 59 15.31 -14.79 21.77
N SER A 60 15.08 -14.01 20.70
CA SER A 60 16.08 -13.14 20.07
C SER A 60 15.45 -11.76 19.87
N TYR A 61 16.20 -10.69 20.14
CA TYR A 61 15.68 -9.33 20.01
C TYR A 61 16.65 -8.40 19.31
N ASN A 62 16.10 -7.41 18.58
CA ASN A 62 16.92 -6.39 17.95
C ASN A 62 17.29 -5.37 19.06
N PRO A 63 18.60 -5.09 19.30
CA PRO A 63 18.96 -4.11 20.34
C PRO A 63 18.54 -2.66 20.07
N SER A 64 18.10 -2.33 18.85
CA SER A 64 17.61 -0.98 18.50
C SER A 64 16.28 -0.66 19.21
N LEU A 65 15.57 -1.70 19.70
CA LEU A 65 14.31 -1.62 20.44
C LEU A 65 14.59 -2.09 21.89
N LYS A 66 15.79 -1.77 22.41
CA LYS A 66 16.30 -2.16 23.73
C LYS A 66 15.34 -1.98 24.90
N SER A 67 15.09 -3.08 25.62
CA SER A 67 14.23 -3.21 26.82
C SER A 67 12.74 -2.92 26.58
N ARG A 68 12.31 -2.83 25.32
CA ARG A 68 10.89 -2.55 25.01
C ARG A 68 10.13 -3.73 24.44
N LEU A 69 10.84 -4.79 23.99
CA LEU A 69 10.20 -5.98 23.38
C LEU A 69 10.14 -7.20 24.28
N THR A 70 9.01 -7.93 24.17
CA THR A 70 8.77 -9.21 24.81
C THR A 70 8.05 -10.11 23.81
N ILE A 71 8.76 -11.14 23.31
CA ILE A 71 8.18 -12.12 22.40
C ILE A 71 7.79 -13.35 23.21
N SER A 72 6.62 -13.92 22.93
CA SER A 72 6.13 -15.09 23.63
C SER A 72 5.40 -16.00 22.66
N LYS A 73 5.16 -17.25 23.06
CA LYS A 73 4.45 -18.21 22.22
C LYS A 73 3.48 -19.05 23.05
N ASP A 74 2.44 -19.55 22.38
CA ASP A 74 1.47 -20.51 22.89
C ASP A 74 1.25 -21.49 21.75
N THR A 75 2.08 -22.55 21.73
CA THR A 75 2.08 -23.59 20.69
C THR A 75 0.77 -24.37 20.58
N SER A 76 0.07 -24.57 21.70
CA SER A 76 -1.22 -25.27 21.74
C SER A 76 -2.33 -24.47 21.07
N LYS A 77 -2.13 -23.14 20.94
CA LYS A 77 -3.09 -22.22 20.31
C LYS A 77 -2.59 -21.71 18.96
N ASN A 78 -1.39 -22.17 18.52
CA ASN A 78 -0.74 -21.78 17.26
C ASN A 78 -0.65 -20.25 17.17
N GLN A 79 -0.14 -19.65 18.26
CA GLN A 79 -0.02 -18.21 18.39
C GLN A 79 1.34 -17.80 18.92
N VAL A 80 1.81 -16.64 18.45
CA VAL A 80 3.05 -15.98 18.85
C VAL A 80 2.67 -14.53 19.12
N SER A 81 3.08 -13.99 20.26
CA SER A 81 2.75 -12.61 20.60
C SER A 81 3.96 -11.69 20.76
N LEU A 82 3.76 -10.40 20.49
CA LEU A 82 4.80 -9.39 20.66
C LEU A 82 4.24 -8.23 21.48
N LYS A 83 4.96 -7.88 22.55
CA LYS A 83 4.58 -6.77 23.42
C LYS A 83 5.62 -5.66 23.31
N ILE A 84 5.18 -4.44 22.99
CA ILE A 84 6.07 -3.29 22.85
C ILE A 84 5.67 -2.22 23.88
N THR A 85 6.54 -1.96 24.87
CA THR A 85 6.27 -0.98 25.92
C THR A 85 6.66 0.44 25.51
N SER A 86 6.09 1.45 26.19
CA SER A 86 6.36 2.89 26.02
C SER A 86 6.42 3.32 24.55
N VAL A 87 5.34 3.02 23.79
CA VAL A 87 5.28 3.35 22.36
C VAL A 87 5.25 4.86 22.08
N THR A 88 5.81 5.27 20.93
CA THR A 88 5.83 6.66 20.47
C THR A 88 5.44 6.64 18.98
N ALA A 89 5.32 7.83 18.34
CA ALA A 89 5.01 7.96 16.92
C ALA A 89 6.04 7.22 16.05
N ALA A 90 7.27 7.00 16.57
CA ALA A 90 8.33 6.25 15.90
C ALA A 90 8.00 4.75 15.75
N ASP A 91 6.98 4.26 16.49
CA ASP A 91 6.52 2.86 16.45
C ASP A 91 5.32 2.65 15.50
N THR A 92 4.86 3.74 14.85
CA THR A 92 3.76 3.66 13.87
C THR A 92 4.33 2.94 12.66
N ALA A 93 3.76 1.78 12.33
CA ALA A 93 4.22 0.91 11.24
C ALA A 93 3.26 -0.23 10.98
N VAL A 94 3.51 -0.98 9.89
CA VAL A 94 2.81 -2.21 9.58
C VAL A 94 3.69 -3.29 10.26
N TYR A 95 3.07 -4.15 11.07
CA TYR A 95 3.77 -5.22 11.78
C TYR A 95 3.47 -6.56 11.11
N PHE A 96 4.54 -7.30 10.76
CA PHE A 96 4.42 -8.59 10.10
C PHE A 96 5.00 -9.70 10.93
N CYS A 97 4.40 -10.89 10.83
CA CYS A 97 4.98 -12.08 11.41
C CYS A 97 5.36 -13.04 10.28
N ALA A 98 6.42 -13.80 10.47
CA ALA A 98 6.91 -14.73 9.45
C ALA A 98 7.50 -15.96 10.11
N ARG A 99 7.44 -17.09 9.41
CA ARG A 99 7.95 -18.34 9.95
C ARG A 99 9.14 -18.89 9.18
N ASN A 100 9.95 -19.73 9.87
CA ASN A 100 11.12 -20.37 9.29
C ASN A 100 11.33 -21.74 9.95
N ARG A 101 12.14 -22.59 9.32
CA ARG A 101 12.56 -23.85 9.90
C ARG A 101 14.08 -23.91 9.76
N TYR A 102 14.78 -24.13 10.90
CA TYR A 102 16.23 -24.22 11.04
C TYR A 102 16.92 -22.86 11.05
N ASP A 103 18.21 -22.85 11.46
CA ASP A 103 19.04 -21.67 11.61
C ASP A 103 20.15 -21.66 10.54
N PRO A 104 20.39 -20.57 9.79
CA PRO A 104 19.74 -19.24 9.86
C PRO A 104 18.30 -19.23 9.32
N PRO A 105 17.48 -18.23 9.68
CA PRO A 105 16.08 -18.23 9.20
C PRO A 105 15.90 -17.80 7.75
N TRP A 106 15.19 -18.63 6.99
CA TRP A 106 14.77 -18.30 5.64
C TRP A 106 13.27 -18.11 5.86
N PHE A 107 12.81 -16.84 5.93
CA PHE A 107 11.39 -16.56 6.20
C PHE A 107 10.49 -16.98 5.02
N VAL A 108 10.13 -18.27 5.01
CA VAL A 108 9.34 -18.97 3.98
C VAL A 108 7.91 -18.52 3.79
N ASP A 109 7.25 -18.06 4.87
CA ASP A 109 5.85 -17.61 4.83
C ASP A 109 5.69 -16.39 5.71
N TRP A 110 4.96 -15.37 5.21
CA TRP A 110 4.71 -14.11 5.89
C TRP A 110 3.22 -13.82 5.94
N GLY A 111 2.79 -13.10 6.96
CA GLY A 111 1.41 -12.64 7.05
C GLY A 111 1.24 -11.36 6.26
N GLN A 112 -0.01 -10.93 6.05
CA GLN A 112 -0.28 -9.71 5.30
C GLN A 112 0.03 -8.41 6.07
N GLY A 113 0.16 -8.54 7.39
CA GLY A 113 0.50 -7.43 8.28
C GLY A 113 -0.67 -6.74 8.95
N THR A 114 -0.38 -6.07 10.06
CA THR A 114 -1.36 -5.27 10.79
C THR A 114 -0.81 -3.85 11.01
N LEU A 115 -1.61 -2.85 10.66
CA LEU A 115 -1.20 -1.46 10.83
C LEU A 115 -1.43 -1.00 12.27
N VAL A 116 -0.39 -0.38 12.86
CA VAL A 116 -0.46 0.19 14.20
C VAL A 116 -0.15 1.68 14.08
N THR A 117 -1.10 2.53 14.53
CA THR A 117 -0.92 3.98 14.56
C THR A 117 -0.76 4.38 16.02
N VAL A 118 0.33 5.09 16.33
CA VAL A 118 0.56 5.59 17.69
C VAL A 118 0.18 7.07 17.70
N SER A 119 -0.97 7.39 18.32
CA SER A 119 -1.50 8.74 18.38
C SER A 119 -2.43 8.96 19.59
N SER A 120 -2.51 10.22 20.06
CA SER A 120 -3.40 10.63 21.14
C SER A 120 -4.79 10.97 20.60
N ALA A 121 -4.90 11.19 19.27
CA ALA A 121 -6.16 11.54 18.58
C ALA A 121 -7.22 10.45 18.70
N SER A 122 -8.49 10.89 18.81
CA SER A 122 -9.63 10.01 18.96
C SER A 122 -10.10 9.42 17.64
N THR A 123 -10.74 8.25 17.72
CA THR A 123 -11.29 7.55 16.55
C THR A 123 -12.51 8.32 16.03
N LYS A 124 -12.63 8.43 14.69
CA LYS A 124 -13.73 9.13 14.04
C LYS A 124 -14.11 8.42 12.75
N GLY A 125 -15.39 8.16 12.60
CA GLY A 125 -15.94 7.52 11.41
C GLY A 125 -16.07 8.46 10.23
N PRO A 126 -16.00 7.95 8.99
CA PRO A 126 -16.11 8.85 7.83
C PRO A 126 -17.54 9.13 7.37
N SER A 127 -17.66 10.15 6.54
CA SER A 127 -18.87 10.49 5.81
C SER A 127 -18.59 9.94 4.42
N VAL A 128 -19.59 9.34 3.76
CA VAL A 128 -19.39 8.76 2.43
C VAL A 128 -20.30 9.45 1.43
N PHE A 129 -19.71 10.03 0.38
CA PHE A 129 -20.46 10.77 -0.64
C PHE A 129 -20.30 10.13 -2.02
N PRO A 130 -21.38 10.10 -2.85
CA PRO A 130 -21.22 9.54 -4.19
C PRO A 130 -20.54 10.48 -5.18
N LEU A 131 -19.75 9.91 -6.10
CA LEU A 131 -19.11 10.63 -7.20
C LEU A 131 -19.88 10.16 -8.42
N ALA A 132 -21.02 10.83 -8.68
CA ALA A 132 -21.96 10.48 -9.75
C ALA A 132 -21.35 10.55 -11.16
N PRO A 133 -21.63 9.57 -12.04
CA PRO A 133 -21.08 9.64 -13.41
C PRO A 133 -21.71 10.80 -14.19
N SER A 134 -20.88 11.52 -14.98
CA SER A 134 -21.29 12.67 -15.77
C SER A 134 -22.31 12.32 -16.85
N SER A 135 -23.18 13.28 -17.22
CA SER A 135 -24.22 13.15 -18.25
C SER A 135 -23.60 12.86 -19.63
N LYS A 136 -22.36 13.33 -19.85
CA LYS A 136 -21.59 13.13 -21.08
C LYS A 136 -20.16 12.66 -20.79
N SER A 137 -20.04 11.41 -20.29
CA SER A 137 -18.75 10.78 -19.99
C SER A 137 -18.10 10.34 -21.31
N THR A 138 -18.82 9.50 -22.09
CA THR A 138 -18.53 8.96 -23.44
C THR A 138 -19.74 8.10 -23.84
N SER A 139 -20.67 8.66 -24.64
CA SER A 139 -21.88 7.96 -25.09
C SER A 139 -21.51 6.77 -25.98
N GLY A 140 -21.71 5.56 -25.45
CA GLY A 140 -21.36 4.31 -26.11
C GLY A 140 -19.88 4.02 -25.96
N GLY A 141 -19.34 4.36 -24.79
CA GLY A 141 -17.94 4.17 -24.44
C GLY A 141 -17.73 3.84 -22.98
N THR A 142 -16.86 4.63 -22.29
CA THR A 142 -16.50 4.42 -20.88
C THR A 142 -16.95 5.58 -19.98
N ALA A 143 -17.54 5.24 -18.83
CA ALA A 143 -18.00 6.17 -17.80
C ALA A 143 -17.29 5.90 -16.48
N ALA A 144 -16.99 6.96 -15.71
CA ALA A 144 -16.34 6.83 -14.42
C ALA A 144 -17.23 7.32 -13.30
N LEU A 145 -17.23 6.58 -12.18
CA LEU A 145 -18.01 6.88 -10.99
C LEU A 145 -17.23 6.44 -9.74
N GLY A 146 -17.66 6.89 -8.57
CA GLY A 146 -16.98 6.51 -7.34
C GLY A 146 -17.63 6.97 -6.06
N CYS A 147 -16.85 6.93 -4.98
CA CYS A 147 -17.25 7.35 -3.64
C CYS A 147 -16.13 8.12 -2.98
N LEU A 148 -16.49 9.19 -2.26
CA LEU A 148 -15.56 9.98 -1.48
C LEU A 148 -15.75 9.57 -0.02
N VAL A 149 -14.69 9.07 0.61
CA VAL A 149 -14.68 8.61 2.01
C VAL A 149 -13.90 9.69 2.78
N LYS A 150 -14.63 10.64 3.38
CA LYS A 150 -14.06 11.82 4.01
C LYS A 150 -14.18 11.91 5.53
N ASP A 151 -13.12 12.50 6.15
CA ASP A 151 -12.99 12.82 7.57
C ASP A 151 -13.03 11.66 8.54
N TYR A 152 -12.03 10.79 8.46
CA TYR A 152 -11.90 9.64 9.36
C TYR A 152 -10.52 9.53 9.98
N PHE A 153 -10.43 8.79 11.10
CA PHE A 153 -9.21 8.52 11.84
C PHE A 153 -9.42 7.32 12.76
N PRO A 154 -8.46 6.38 12.85
CA PRO A 154 -7.19 6.29 12.12
C PRO A 154 -7.36 5.50 10.82
N GLU A 155 -6.25 5.18 10.16
CA GLU A 155 -6.28 4.30 9.00
C GLU A 155 -6.38 2.86 9.56
N PRO A 156 -6.93 1.87 8.83
CA PRO A 156 -7.42 1.92 7.44
C PRO A 156 -8.95 1.95 7.32
N VAL A 157 -9.42 2.11 6.09
CA VAL A 157 -10.84 2.02 5.74
C VAL A 157 -10.93 0.93 4.67
N THR A 158 -11.97 0.08 4.76
CA THR A 158 -12.18 -1.00 3.79
C THR A 158 -13.17 -0.50 2.73
N VAL A 159 -12.82 -0.62 1.44
CA VAL A 159 -13.68 -0.21 0.35
C VAL A 159 -13.81 -1.33 -0.68
N SER A 160 -15.06 -1.70 -0.99
CA SER A 160 -15.35 -2.70 -2.01
C SER A 160 -16.49 -2.19 -2.89
N TRP A 161 -16.68 -2.82 -4.05
CA TRP A 161 -17.75 -2.46 -4.98
C TRP A 161 -18.65 -3.65 -5.20
N ASN A 162 -19.97 -3.44 -5.06
CA ASN A 162 -21.02 -4.46 -5.20
C ASN A 162 -20.72 -5.73 -4.37
N SER A 163 -20.28 -5.54 -3.11
CA SER A 163 -19.91 -6.61 -2.15
C SER A 163 -18.80 -7.54 -2.66
N GLY A 164 -17.84 -6.97 -3.40
CA GLY A 164 -16.70 -7.71 -3.96
C GLY A 164 -16.94 -8.30 -5.35
N ALA A 165 -18.17 -8.17 -5.89
CA ALA A 165 -18.51 -8.68 -7.22
C ALA A 165 -17.89 -7.84 -8.34
N LEU A 166 -17.57 -6.57 -8.06
CA LEU A 166 -16.97 -5.65 -9.03
C LEU A 166 -15.54 -5.30 -8.60
N THR A 167 -14.54 -5.80 -9.34
CA THR A 167 -13.12 -5.58 -9.04
C THR A 167 -12.37 -4.96 -10.22
N SER A 168 -12.77 -5.31 -11.46
CA SER A 168 -12.18 -4.81 -12.70
C SER A 168 -12.43 -3.31 -12.87
N GLY A 169 -11.37 -2.57 -13.16
CA GLY A 169 -11.44 -1.12 -13.36
C GLY A 169 -11.56 -0.29 -12.10
N VAL A 170 -11.48 -0.93 -10.92
CA VAL A 170 -11.57 -0.25 -9.61
C VAL A 170 -10.20 0.31 -9.21
N HIS A 171 -10.21 1.55 -8.69
CA HIS A 171 -9.04 2.21 -8.14
C HIS A 171 -9.39 2.85 -6.80
N THR A 172 -8.91 2.23 -5.70
CA THR A 172 -9.08 2.78 -4.36
C THR A 172 -7.74 3.45 -4.05
N PHE A 173 -7.78 4.77 -3.98
CA PHE A 173 -6.60 5.59 -3.79
C PHE A 173 -6.07 5.58 -2.37
N PRO A 174 -4.72 5.64 -2.17
CA PRO A 174 -4.19 5.75 -0.80
C PRO A 174 -4.75 7.02 -0.15
N ALA A 175 -5.07 6.95 1.14
CA ALA A 175 -5.64 8.09 1.87
C ALA A 175 -4.65 9.25 1.99
N VAL A 176 -5.19 10.48 2.03
CA VAL A 176 -4.39 11.69 2.22
C VAL A 176 -4.74 12.27 3.60
N LEU A 177 -3.72 12.68 4.36
CA LEU A 177 -3.95 13.30 5.66
C LEU A 177 -4.23 14.79 5.42
N GLN A 178 -5.46 15.23 5.76
CA GLN A 178 -5.89 16.62 5.60
C GLN A 178 -5.30 17.49 6.73
N SER A 179 -5.44 18.83 6.61
CA SER A 179 -4.93 19.79 7.61
C SER A 179 -5.61 19.64 8.98
N SER A 180 -6.83 19.07 9.00
CA SER A 180 -7.62 18.81 10.21
C SER A 180 -7.06 17.63 11.04
N GLY A 181 -6.16 16.84 10.43
CA GLY A 181 -5.59 15.65 11.03
C GLY A 181 -6.42 14.42 10.75
N LEU A 182 -7.41 14.54 9.85
CA LEU A 182 -8.30 13.44 9.45
C LEU A 182 -8.00 13.00 8.03
N TYR A 183 -8.17 11.70 7.74
CA TYR A 183 -7.91 11.15 6.42
C TYR A 183 -9.11 11.31 5.49
N SER A 184 -8.82 11.30 4.19
CA SER A 184 -9.80 11.35 3.13
C SER A 184 -9.28 10.54 1.95
N LEU A 185 -10.18 9.76 1.33
CA LEU A 185 -9.84 8.99 0.14
C LEU A 185 -11.00 8.85 -0.82
N SER A 186 -10.66 8.57 -2.07
CA SER A 186 -11.64 8.33 -3.11
C SER A 186 -11.41 6.92 -3.65
N SER A 187 -12.50 6.26 -4.03
CA SER A 187 -12.47 4.96 -4.67
C SER A 187 -13.32 5.13 -5.90
N VAL A 188 -12.74 4.83 -7.05
CA VAL A 188 -13.41 4.99 -8.34
C VAL A 188 -13.47 3.69 -9.12
N VAL A 189 -14.31 3.67 -10.15
CA VAL A 189 -14.43 2.55 -11.08
C VAL A 189 -14.84 3.08 -12.45
N THR A 190 -14.23 2.55 -13.51
CA THR A 190 -14.60 2.88 -14.88
C THR A 190 -15.43 1.70 -15.39
N VAL A 191 -16.60 1.99 -15.95
CA VAL A 191 -17.55 0.99 -16.45
C VAL A 191 -18.08 1.41 -17.86
N PRO A 192 -18.70 0.50 -18.65
CA PRO A 192 -19.27 0.94 -19.94
C PRO A 192 -20.47 1.86 -19.70
N SER A 193 -20.57 2.96 -20.46
CA SER A 193 -21.65 3.94 -20.35
C SER A 193 -23.05 3.36 -20.59
N SER A 194 -23.13 2.27 -21.39
CA SER A 194 -24.37 1.56 -21.74
C SER A 194 -25.00 0.78 -20.57
N SER A 195 -24.27 0.61 -19.45
CA SER A 195 -24.74 -0.13 -18.27
C SER A 195 -25.08 0.74 -17.05
N LEU A 196 -24.94 2.07 -17.17
CA LEU A 196 -25.11 3.07 -16.11
C LEU A 196 -26.25 2.95 -15.04
N GLY A 197 -27.53 2.76 -15.39
CA GLY A 197 -28.12 2.53 -16.70
C GLY A 197 -29.07 1.35 -16.61
N THR A 198 -28.50 0.18 -16.30
CA THR A 198 -29.20 -1.10 -16.10
C THR A 198 -28.54 -1.88 -14.95
N GLN A 199 -27.25 -1.58 -14.67
CA GLN A 199 -26.46 -2.20 -13.61
C GLN A 199 -26.36 -1.25 -12.40
N THR A 200 -26.57 -1.80 -11.19
CA THR A 200 -26.49 -1.08 -9.94
C THR A 200 -25.02 -1.03 -9.48
N TYR A 201 -24.57 0.15 -9.01
CA TYR A 201 -23.22 0.33 -8.49
C TYR A 201 -23.30 0.82 -7.06
N ILE A 202 -22.80 0.00 -6.13
CA ILE A 202 -22.78 0.31 -4.70
C ILE A 202 -21.36 0.20 -4.18
N CYS A 203 -20.89 1.24 -3.47
CA CYS A 203 -19.58 1.18 -2.82
C CYS A 203 -19.84 0.79 -1.37
N ASN A 204 -19.15 -0.24 -0.88
CA ASN A 204 -19.29 -0.73 0.49
C ASN A 204 -18.10 -0.23 1.29
N VAL A 205 -18.37 0.67 2.24
CA VAL A 205 -17.34 1.30 3.08
C VAL A 205 -17.45 0.77 4.49
N ASN A 206 -16.32 0.32 5.04
CA ASN A 206 -16.25 -0.16 6.41
C ASN A 206 -15.00 0.36 7.10
N HIS A 207 -15.21 1.26 8.07
CA HIS A 207 -14.13 1.81 8.87
C HIS A 207 -14.17 1.05 10.20
N LYS A 208 -13.46 -0.10 10.25
CA LYS A 208 -13.39 -0.98 11.42
C LYS A 208 -13.01 -0.31 12.75
N PRO A 209 -12.03 0.65 12.82
CA PRO A 209 -11.73 1.28 14.10
C PRO A 209 -12.91 1.97 14.80
N SER A 210 -13.86 2.52 14.02
CA SER A 210 -15.04 3.20 14.58
C SER A 210 -16.33 2.40 14.38
N ASN A 211 -16.27 1.31 13.59
CA ASN A 211 -17.42 0.47 13.21
C ASN A 211 -18.45 1.27 12.41
N THR A 212 -17.98 2.28 11.67
CA THR A 212 -18.82 3.10 10.80
C THR A 212 -18.87 2.41 9.46
N LYS A 213 -20.08 2.00 9.06
CA LYS A 213 -20.34 1.32 7.78
C LYS A 213 -21.30 2.15 6.97
N VAL A 214 -20.99 2.35 5.70
CA VAL A 214 -21.86 3.08 4.77
C VAL A 214 -21.80 2.36 3.41
N ASP A 215 -22.98 2.03 2.86
CA ASP A 215 -23.11 1.46 1.51
C ASP A 215 -23.89 2.49 0.73
N LYS A 216 -23.22 3.11 -0.26
CA LYS A 216 -23.79 4.17 -1.06
C LYS A 216 -24.04 3.72 -2.50
N ARG A 217 -25.28 3.92 -2.98
CA ARG A 217 -25.70 3.64 -4.34
C ARG A 217 -25.20 4.84 -5.17
N VAL A 218 -24.46 4.58 -6.25
CA VAL A 218 -23.90 5.65 -7.10
C VAL A 218 -24.62 5.60 -8.45
N GLU A 219 -25.51 6.56 -8.67
CA GLU A 219 -26.37 6.64 -9.86
C GLU A 219 -26.15 7.91 -10.70
N PRO A 220 -26.42 7.87 -12.04
CA PRO A 220 -26.28 9.10 -12.84
C PRO A 220 -27.44 10.06 -12.63
N ASP B 1 27.68 -5.50 14.43
CA ASP B 1 26.40 -5.26 13.75
C ASP B 1 26.61 -5.20 12.23
N ILE B 2 26.04 -6.16 11.49
CA ILE B 2 26.18 -6.23 10.03
C ILE B 2 25.25 -5.25 9.30
N GLN B 3 25.85 -4.34 8.53
CA GLN B 3 25.11 -3.34 7.74
C GLN B 3 24.92 -3.86 6.32
N MET B 4 23.65 -3.88 5.86
CA MET B 4 23.29 -4.36 4.53
C MET B 4 22.92 -3.19 3.63
N THR B 5 23.49 -3.15 2.43
CA THR B 5 23.21 -2.05 1.50
C THR B 5 22.84 -2.49 0.10
N GLN B 6 21.86 -1.82 -0.49
CA GLN B 6 21.40 -2.06 -1.85
C GLN B 6 21.59 -0.74 -2.59
N SER B 7 22.60 -0.68 -3.47
CA SER B 7 22.97 0.55 -4.19
C SER B 7 21.84 1.16 -5.03
N THR B 8 20.95 0.33 -5.57
CA THR B 8 19.82 0.84 -6.35
C THR B 8 18.60 1.00 -5.44
N SER B 9 18.14 2.25 -5.27
CA SER B 9 16.95 2.56 -4.47
C SER B 9 15.70 2.18 -5.25
N SER B 10 15.68 2.56 -6.54
CA SER B 10 14.58 2.25 -7.45
C SER B 10 15.04 2.32 -8.89
N LEU B 11 14.34 1.60 -9.78
CA LEU B 11 14.63 1.58 -11.21
C LEU B 11 13.42 1.14 -12.01
N SER B 12 13.39 1.49 -13.29
CA SER B 12 12.35 1.07 -14.22
C SER B 12 13.02 0.19 -15.27
N ALA B 13 12.36 -0.90 -15.65
CA ALA B 13 12.88 -1.83 -16.67
C ALA B 13 11.74 -2.40 -17.48
N SER B 14 12.00 -2.65 -18.76
CA SER B 14 10.98 -3.14 -19.67
C SER B 14 10.78 -4.64 -19.53
N VAL B 15 9.59 -5.13 -19.90
CA VAL B 15 9.25 -6.55 -19.94
C VAL B 15 10.25 -7.20 -20.92
N GLY B 16 10.89 -8.29 -20.50
CA GLY B 16 11.88 -8.99 -21.30
C GLY B 16 13.31 -8.62 -20.98
N ASP B 17 13.51 -7.54 -20.18
CA ASP B 17 14.85 -7.08 -19.80
C ASP B 17 15.46 -7.99 -18.74
N ARG B 18 16.80 -8.02 -18.72
CA ARG B 18 17.57 -8.73 -17.71
C ARG B 18 17.79 -7.68 -16.61
N VAL B 19 17.32 -7.98 -15.38
CA VAL B 19 17.42 -7.07 -14.24
C VAL B 19 18.39 -7.63 -13.21
N THR B 20 19.30 -6.76 -12.71
CA THR B 20 20.30 -7.10 -11.71
C THR B 20 20.09 -6.21 -10.48
N ILE B 21 19.90 -6.84 -9.32
CA ILE B 21 19.72 -6.13 -8.05
C ILE B 21 20.83 -6.59 -7.11
N THR B 22 21.68 -5.64 -6.68
CA THR B 22 22.82 -5.95 -5.82
C THR B 22 22.55 -5.70 -4.35
N CYS B 23 23.30 -6.41 -3.51
CA CYS B 23 23.27 -6.33 -2.06
C CYS B 23 24.71 -6.46 -1.57
N ARG B 24 25.13 -5.57 -0.67
CA ARG B 24 26.48 -5.59 -0.10
C ARG B 24 26.43 -5.64 1.42
N ALA B 25 27.17 -6.58 2.02
CA ALA B 25 27.27 -6.73 3.47
C ALA B 25 28.53 -6.04 3.98
N SER B 26 28.48 -5.46 5.20
CA SER B 26 29.64 -4.76 5.81
C SER B 26 30.80 -5.69 6.17
N GLN B 27 30.53 -7.01 6.26
CA GLN B 27 31.54 -8.04 6.54
C GLN B 27 31.10 -9.36 5.91
N ASP B 28 31.99 -10.38 5.88
CA ASP B 28 31.69 -11.70 5.31
C ASP B 28 30.43 -12.33 5.94
N ILE B 29 29.42 -12.63 5.11
CA ILE B 29 28.18 -13.25 5.57
C ILE B 29 28.04 -14.76 5.26
N SER B 30 29.14 -15.37 4.74
CA SER B 30 29.29 -16.81 4.46
C SER B 30 28.08 -17.43 3.76
N ASN B 31 27.59 -16.78 2.69
CA ASN B 31 26.43 -17.20 1.89
C ASN B 31 25.07 -17.24 2.62
N TYR B 32 25.01 -16.78 3.89
CA TYR B 32 23.76 -16.75 4.65
C TYR B 32 22.98 -15.49 4.27
N LEU B 33 22.40 -15.52 3.07
CA LEU B 33 21.66 -14.42 2.49
C LEU B 33 20.41 -14.91 1.77
N SER B 34 19.31 -14.19 1.96
CA SER B 34 18.04 -14.49 1.30
C SER B 34 17.42 -13.24 0.68
N TRP B 35 16.64 -13.44 -0.39
CA TRP B 35 15.97 -12.39 -1.16
C TRP B 35 14.48 -12.48 -1.01
N TYR B 36 13.84 -11.32 -0.80
CA TYR B 36 12.40 -11.21 -0.59
C TYR B 36 11.77 -10.23 -1.55
N GLN B 37 10.53 -10.54 -1.96
CA GLN B 37 9.75 -9.75 -2.90
C GLN B 37 8.50 -9.22 -2.22
N GLN B 38 8.36 -7.88 -2.20
CA GLN B 38 7.19 -7.24 -1.62
C GLN B 38 6.38 -6.55 -2.70
N LYS B 39 5.29 -7.20 -3.11
CA LYS B 39 4.37 -6.65 -4.10
C LYS B 39 3.34 -5.77 -3.40
N PRO B 40 2.91 -4.64 -4.02
CA PRO B 40 1.92 -3.77 -3.35
C PRO B 40 0.65 -4.50 -2.94
N GLY B 41 0.28 -4.36 -1.66
CA GLY B 41 -0.92 -4.96 -1.07
C GLY B 41 -0.91 -6.47 -0.95
N LYS B 42 0.28 -7.10 -1.00
CA LYS B 42 0.43 -8.54 -0.88
C LYS B 42 1.47 -8.88 0.19
N ALA B 43 1.36 -10.09 0.78
CA ALA B 43 2.33 -10.56 1.76
C ALA B 43 3.70 -10.71 1.10
N VAL B 44 4.78 -10.42 1.85
CA VAL B 44 6.17 -10.56 1.39
C VAL B 44 6.38 -12.06 1.06
N LYS B 45 7.12 -12.33 -0.02
CA LYS B 45 7.41 -13.67 -0.48
C LYS B 45 8.92 -13.93 -0.52
N LEU B 46 9.34 -15.11 -0.09
CA LEU B 46 10.73 -15.52 -0.19
C LEU B 46 10.98 -15.98 -1.64
N LEU B 47 12.04 -15.49 -2.28
CA LEU B 47 12.38 -15.88 -3.64
C LEU B 47 13.56 -16.83 -3.65
N ILE B 48 14.65 -16.41 -3.00
CA ILE B 48 15.94 -17.09 -2.97
C ILE B 48 16.43 -17.16 -1.53
N TYR B 49 16.98 -18.32 -1.13
CA TYR B 49 17.56 -18.54 0.21
C TYR B 49 18.94 -19.16 0.04
N TYR B 50 19.82 -18.98 1.06
CA TYR B 50 21.21 -19.47 1.04
C TYR B 50 21.94 -19.09 -0.26
N THR B 51 21.86 -17.78 -0.59
CA THR B 51 22.45 -17.14 -1.77
C THR B 51 21.83 -17.50 -3.12
N SER B 52 21.71 -18.80 -3.43
CA SER B 52 21.30 -19.26 -4.77
C SER B 52 20.15 -20.28 -4.85
N LYS B 53 19.64 -20.76 -3.71
CA LYS B 53 18.58 -21.77 -3.72
C LYS B 53 17.20 -21.14 -3.95
N LEU B 54 16.50 -21.64 -4.98
CA LEU B 54 15.18 -21.16 -5.38
C LEU B 54 14.07 -21.70 -4.47
N HIS B 55 13.26 -20.80 -3.90
CA HIS B 55 12.12 -21.20 -3.05
C HIS B 55 11.07 -21.86 -3.92
N SER B 56 10.44 -22.94 -3.39
CA SER B 56 9.38 -23.69 -4.07
C SER B 56 8.26 -22.75 -4.56
N GLY B 57 7.87 -22.92 -5.83
CA GLY B 57 6.82 -22.12 -6.45
C GLY B 57 7.28 -20.85 -7.15
N VAL B 58 8.56 -20.46 -6.95
CA VAL B 58 9.12 -19.25 -7.57
C VAL B 58 9.65 -19.62 -8.98
N PRO B 59 9.33 -18.83 -10.05
CA PRO B 59 9.82 -19.19 -11.38
C PRO B 59 11.35 -19.09 -11.55
N SER B 60 11.91 -19.94 -12.43
CA SER B 60 13.34 -20.07 -12.72
C SER B 60 14.03 -18.81 -13.26
N ARG B 61 13.26 -17.78 -13.68
CA ARG B 61 13.83 -16.51 -14.15
C ARG B 61 14.52 -15.77 -12.98
N PHE B 62 14.15 -16.11 -11.72
CA PHE B 62 14.76 -15.56 -10.52
C PHE B 62 15.95 -16.44 -10.14
N SER B 63 17.12 -15.82 -10.01
CA SER B 63 18.35 -16.51 -9.62
C SER B 63 19.20 -15.63 -8.71
N GLY B 64 19.97 -16.28 -7.85
CA GLY B 64 20.85 -15.60 -6.90
C GLY B 64 22.29 -16.04 -7.04
N SER B 65 23.22 -15.11 -6.86
CA SER B 65 24.65 -15.37 -6.94
C SER B 65 25.38 -14.54 -5.90
N GLY B 66 26.65 -14.89 -5.64
CA GLY B 66 27.46 -14.15 -4.69
C GLY B 66 28.22 -14.99 -3.68
N SER B 67 29.12 -14.32 -2.94
CA SER B 67 29.98 -14.88 -1.90
C SER B 67 30.57 -13.71 -1.11
N GLY B 68 31.02 -14.00 0.11
CA GLY B 68 31.64 -13.00 0.99
C GLY B 68 30.71 -11.87 1.36
N THR B 69 30.94 -10.69 0.74
CA THR B 69 30.17 -9.47 1.00
C THR B 69 29.20 -9.06 -0.13
N ASP B 70 29.51 -9.43 -1.39
CA ASP B 70 28.75 -9.03 -2.58
C ASP B 70 27.77 -10.09 -3.07
N TYR B 71 26.48 -9.71 -3.20
CA TYR B 71 25.41 -10.60 -3.64
C TYR B 71 24.53 -9.96 -4.68
N THR B 72 23.98 -10.79 -5.58
CA THR B 72 23.14 -10.33 -6.69
C THR B 72 21.90 -11.19 -6.91
N LEU B 73 20.74 -10.53 -7.08
CA LEU B 73 19.50 -11.16 -7.47
C LEU B 73 19.32 -10.80 -8.94
N THR B 74 19.14 -11.80 -9.80
CA THR B 74 18.96 -11.61 -11.22
C THR B 74 17.58 -12.09 -11.67
N ILE B 75 16.92 -11.27 -12.49
CA ILE B 75 15.65 -11.61 -13.13
C ILE B 75 16.05 -11.65 -14.62
N SER B 76 16.16 -12.87 -15.17
CA SER B 76 16.63 -13.11 -16.55
C SER B 76 15.79 -12.44 -17.65
N SER B 77 14.47 -12.49 -17.52
CA SER B 77 13.55 -11.88 -18.48
C SER B 77 12.35 -11.38 -17.70
N LEU B 78 12.35 -10.07 -17.41
CA LEU B 78 11.32 -9.40 -16.61
C LEU B 78 9.90 -9.59 -17.15
N GLN B 79 8.96 -9.88 -16.25
CA GLN B 79 7.55 -10.02 -16.59
C GLN B 79 6.79 -8.86 -15.94
N GLN B 80 5.61 -8.50 -16.49
CA GLN B 80 4.81 -7.39 -15.96
C GLN B 80 4.38 -7.56 -14.49
N GLU B 81 4.29 -8.80 -14.01
CA GLU B 81 3.90 -9.10 -12.64
C GLU B 81 5.09 -9.00 -11.66
N ASP B 82 6.28 -8.64 -12.15
CA ASP B 82 7.49 -8.57 -11.32
C ASP B 82 7.73 -7.23 -10.63
N PHE B 83 6.82 -6.24 -10.81
CA PHE B 83 6.98 -4.96 -10.10
C PHE B 83 6.79 -5.20 -8.62
N ALA B 84 7.77 -4.76 -7.82
CA ALA B 84 7.80 -4.97 -6.36
C ALA B 84 9.04 -4.33 -5.78
N THR B 85 9.14 -4.35 -4.44
CA THR B 85 10.32 -3.90 -3.74
C THR B 85 11.05 -5.16 -3.31
N TYR B 86 12.33 -5.26 -3.69
CA TYR B 86 13.17 -6.43 -3.42
C TYR B 86 14.13 -6.13 -2.28
N PHE B 87 14.14 -7.01 -1.26
CA PHE B 87 14.97 -6.87 -0.07
C PHE B 87 15.90 -8.04 0.14
N CYS B 88 17.15 -7.76 0.55
CA CYS B 88 18.08 -8.81 0.92
C CYS B 88 18.12 -8.88 2.46
N LEU B 89 18.49 -10.04 3.02
CA LEU B 89 18.56 -10.24 4.46
C LEU B 89 19.73 -11.15 4.78
N GLN B 90 20.56 -10.74 5.75
CA GLN B 90 21.67 -11.58 6.20
C GLN B 90 21.26 -12.41 7.43
N GLY B 91 21.73 -13.64 7.49
CA GLY B 91 21.49 -14.56 8.61
C GLY B 91 22.77 -15.05 9.25
N LYS B 92 23.88 -14.35 8.98
CA LYS B 92 25.20 -14.67 9.51
C LYS B 92 25.30 -14.40 11.02
N MET B 93 24.76 -13.27 11.49
CA MET B 93 24.88 -12.85 12.88
C MET B 93 23.70 -12.00 13.33
N LEU B 94 23.30 -12.16 14.61
CA LEU B 94 22.26 -11.37 15.25
C LEU B 94 22.82 -9.98 15.59
N PRO B 95 22.04 -8.88 15.45
CA PRO B 95 20.66 -8.81 14.97
C PRO B 95 20.57 -9.00 13.46
N TRP B 96 19.54 -9.75 13.00
CA TRP B 96 19.32 -9.98 11.57
C TRP B 96 18.97 -8.64 10.92
N THR B 97 19.60 -8.34 9.79
CA THR B 97 19.45 -7.04 9.14
C THR B 97 19.12 -7.15 7.66
N PHE B 98 18.25 -6.24 7.19
CA PHE B 98 17.80 -6.17 5.81
C PHE B 98 18.50 -5.04 5.08
N GLY B 99 18.56 -5.16 3.75
CA GLY B 99 19.00 -4.09 2.88
C GLY B 99 17.85 -3.09 2.85
N GLN B 100 18.07 -1.87 2.32
CA GLN B 100 17.04 -0.82 2.30
C GLN B 100 15.88 -1.07 1.34
N GLY B 101 16.07 -2.00 0.40
CA GLY B 101 15.06 -2.34 -0.60
C GLY B 101 15.30 -1.67 -1.93
N THR B 102 14.97 -2.37 -3.02
CA THR B 102 15.09 -1.86 -4.39
C THR B 102 13.71 -1.93 -5.01
N LYS B 103 13.11 -0.77 -5.31
CA LYS B 103 11.78 -0.72 -5.90
C LYS B 103 11.88 -0.82 -7.42
N LEU B 104 11.29 -1.86 -7.98
CA LEU B 104 11.34 -2.10 -9.42
C LEU B 104 10.00 -1.78 -10.06
N GLU B 105 10.00 -0.84 -11.01
CA GLU B 105 8.84 -0.40 -11.79
C GLU B 105 8.91 -1.04 -13.18
N ILE B 106 7.75 -1.38 -13.76
CA ILE B 106 7.69 -1.93 -15.12
C ILE B 106 7.63 -0.74 -16.08
N LYS B 107 8.59 -0.68 -17.01
CA LYS B 107 8.63 0.34 -18.03
C LYS B 107 7.80 -0.17 -19.21
N ARG B 108 6.70 0.52 -19.50
CA ARG B 108 5.80 0.18 -20.60
C ARG B 108 5.67 1.39 -21.53
N THR B 109 4.92 1.24 -22.64
CA THR B 109 4.68 2.32 -23.59
C THR B 109 3.92 3.46 -22.89
N VAL B 110 4.14 4.69 -23.36
CA VAL B 110 3.48 5.89 -22.84
C VAL B 110 1.95 5.77 -23.08
N ALA B 111 1.16 6.03 -22.03
CA ALA B 111 -0.30 6.02 -22.15
C ALA B 111 -0.87 7.26 -21.51
N ALA B 112 -1.66 7.98 -22.30
CA ALA B 112 -2.30 9.21 -21.86
C ALA B 112 -3.41 8.88 -20.84
N PRO B 113 -3.64 9.72 -19.81
CA PRO B 113 -4.73 9.43 -18.87
C PRO B 113 -6.09 9.77 -19.46
N SER B 114 -7.12 9.10 -18.94
CA SER B 114 -8.52 9.41 -19.24
C SER B 114 -8.87 10.32 -18.06
N VAL B 115 -9.34 11.54 -18.36
CA VAL B 115 -9.62 12.53 -17.32
C VAL B 115 -11.12 12.70 -17.06
N PHE B 116 -11.50 12.73 -15.77
CA PHE B 116 -12.87 12.89 -15.31
C PHE B 116 -12.94 13.91 -14.18
N ILE B 117 -13.98 14.77 -14.21
CA ILE B 117 -14.23 15.77 -13.17
C ILE B 117 -15.53 15.46 -12.44
N PHE B 118 -15.51 15.54 -11.10
CA PHE B 118 -16.66 15.26 -10.26
C PHE B 118 -17.03 16.44 -9.39
N PRO B 119 -18.24 17.02 -9.58
CA PRO B 119 -18.66 18.14 -8.71
C PRO B 119 -18.98 17.66 -7.28
N PRO B 120 -18.96 18.56 -6.26
CA PRO B 120 -19.33 18.10 -4.91
C PRO B 120 -20.79 17.63 -4.90
N SER B 121 -21.05 16.48 -4.27
CA SER B 121 -22.40 15.92 -4.19
C SER B 121 -23.33 16.81 -3.36
N ASP B 122 -24.65 16.77 -3.66
CA ASP B 122 -25.68 17.55 -2.95
C ASP B 122 -25.69 17.20 -1.46
N GLU B 123 -25.39 15.94 -1.13
CA GLU B 123 -25.31 15.40 0.23
C GLU B 123 -24.18 16.07 1.03
N GLN B 124 -23.02 16.31 0.39
CA GLN B 124 -21.86 16.96 1.03
C GLN B 124 -22.13 18.45 1.28
N LEU B 125 -22.71 19.14 0.29
CA LEU B 125 -23.03 20.58 0.37
C LEU B 125 -23.89 20.91 1.59
N LYS B 126 -24.79 19.98 1.99
CA LYS B 126 -25.65 20.11 3.18
C LYS B 126 -24.87 20.17 4.51
N SER B 127 -23.51 20.08 4.47
CA SER B 127 -22.64 20.12 5.64
C SER B 127 -21.65 21.32 5.68
N GLY B 128 -21.77 22.23 4.72
CA GLY B 128 -20.94 23.43 4.64
C GLY B 128 -19.59 23.27 3.97
N THR B 129 -19.29 22.06 3.48
CA THR B 129 -18.02 21.79 2.80
C THR B 129 -18.25 21.27 1.37
N ALA B 130 -17.31 21.61 0.47
CA ALA B 130 -17.38 21.20 -0.94
C ALA B 130 -16.04 20.64 -1.41
N SER B 131 -16.05 19.39 -1.91
CA SER B 131 -14.87 18.72 -2.44
C SER B 131 -15.07 18.45 -3.93
N VAL B 132 -14.16 18.96 -4.76
CA VAL B 132 -14.22 18.77 -6.21
C VAL B 132 -13.13 17.76 -6.54
N VAL B 133 -13.50 16.66 -7.22
CA VAL B 133 -12.56 15.58 -7.52
C VAL B 133 -12.20 15.46 -9.00
N CYS B 134 -10.89 15.36 -9.28
CA CYS B 134 -10.36 15.13 -10.62
C CYS B 134 -9.65 13.80 -10.66
N LEU B 135 -10.07 12.93 -11.58
CA LEU B 135 -9.50 11.59 -11.76
C LEU B 135 -8.70 11.50 -13.05
N LEU B 136 -7.47 11.01 -12.95
CA LEU B 136 -6.55 10.73 -14.07
C LEU B 136 -6.44 9.22 -14.07
N ASN B 137 -7.08 8.60 -15.05
CA ASN B 137 -7.21 7.14 -15.09
C ASN B 137 -6.25 6.44 -16.05
N ASN B 138 -5.50 5.44 -15.52
CA ASN B 138 -4.61 4.51 -16.23
C ASN B 138 -3.62 5.16 -17.20
N PHE B 139 -2.58 5.78 -16.65
CA PHE B 139 -1.57 6.47 -17.42
C PHE B 139 -0.16 5.97 -17.11
N TYR B 140 0.79 6.27 -18.02
CA TYR B 140 2.21 5.95 -17.87
C TYR B 140 3.04 6.98 -18.67
N PRO B 141 4.13 7.55 -18.14
CA PRO B 141 4.75 7.36 -16.81
C PRO B 141 3.95 7.95 -15.65
N ARG B 142 4.44 7.75 -14.41
CA ARG B 142 3.82 8.22 -13.16
C ARG B 142 3.66 9.75 -13.08
N GLU B 143 4.61 10.51 -13.64
CA GLU B 143 4.64 11.98 -13.63
C GLU B 143 3.47 12.59 -14.38
N ALA B 144 2.69 13.43 -13.68
CA ALA B 144 1.53 14.13 -14.21
C ALA B 144 1.31 15.42 -13.44
N LYS B 145 0.88 16.47 -14.14
CA LYS B 145 0.62 17.75 -13.51
C LYS B 145 -0.88 18.04 -13.55
N VAL B 146 -1.44 18.39 -12.39
CA VAL B 146 -2.86 18.72 -12.24
C VAL B 146 -2.96 20.18 -11.78
N GLN B 147 -3.67 21.00 -12.55
CA GLN B 147 -3.88 22.40 -12.24
C GLN B 147 -5.37 22.67 -12.11
N TRP B 148 -5.80 23.21 -10.96
CA TRP B 148 -7.19 23.55 -10.70
C TRP B 148 -7.45 25.00 -11.07
N LYS B 149 -8.47 25.25 -11.89
CA LYS B 149 -8.87 26.60 -12.31
C LYS B 149 -10.32 26.87 -11.90
N VAL B 150 -10.52 27.94 -11.12
CA VAL B 150 -11.84 28.36 -10.61
C VAL B 150 -12.12 29.75 -11.20
N ASP B 151 -13.10 29.84 -12.14
CA ASP B 151 -13.47 31.04 -12.91
C ASP B 151 -12.23 31.61 -13.62
N ASN B 152 -11.46 30.71 -14.28
CA ASN B 152 -10.19 30.95 -15.00
C ASN B 152 -9.00 31.32 -14.11
N ALA B 153 -9.20 31.43 -12.78
CA ALA B 153 -8.14 31.74 -11.83
C ALA B 153 -7.48 30.46 -11.33
N LEU B 154 -6.16 30.37 -11.49
CA LEU B 154 -5.35 29.23 -11.07
C LEU B 154 -5.33 29.12 -9.54
N GLN B 155 -5.60 27.90 -9.04
CA GLN B 155 -5.64 27.61 -7.60
C GLN B 155 -4.30 27.09 -7.07
N SER B 156 -4.00 27.41 -5.81
CA SER B 156 -2.76 26.99 -5.14
C SER B 156 -2.98 26.87 -3.63
N GLY B 157 -2.52 25.74 -3.06
CA GLY B 157 -2.58 25.45 -1.64
C GLY B 157 -3.86 24.81 -1.12
N ASN B 158 -4.91 24.72 -1.96
CA ASN B 158 -6.21 24.15 -1.57
C ASN B 158 -6.56 22.80 -2.25
N SER B 159 -5.52 22.05 -2.69
CA SER B 159 -5.71 20.75 -3.31
C SER B 159 -4.72 19.70 -2.79
N GLN B 160 -5.13 18.43 -2.79
CA GLN B 160 -4.29 17.30 -2.35
C GLN B 160 -4.36 16.19 -3.39
N GLU B 161 -3.21 15.52 -3.63
CA GLU B 161 -3.06 14.46 -4.63
C GLU B 161 -2.79 13.09 -4.01
N SER B 162 -3.22 12.03 -4.72
CA SER B 162 -3.00 10.64 -4.33
C SER B 162 -2.78 9.80 -5.60
N VAL B 163 -1.73 8.98 -5.61
CA VAL B 163 -1.39 8.13 -6.76
C VAL B 163 -1.41 6.67 -6.34
N THR B 164 -2.04 5.81 -7.16
CA THR B 164 -2.06 4.37 -6.89
C THR B 164 -0.69 3.77 -7.19
N GLU B 165 -0.47 2.53 -6.73
CA GLU B 165 0.73 1.76 -7.04
C GLU B 165 0.51 1.24 -8.47
N GLN B 166 1.56 0.80 -9.14
CA GLN B 166 1.47 0.29 -10.52
C GLN B 166 0.41 -0.81 -10.64
N ASP B 167 -0.41 -0.75 -11.71
CA ASP B 167 -1.50 -1.70 -11.97
C ASP B 167 -0.96 -3.07 -12.40
N SER B 168 -1.46 -4.14 -11.77
CA SER B 168 -1.04 -5.52 -12.08
C SER B 168 -1.42 -5.97 -13.49
N LYS B 169 -2.52 -5.44 -14.04
CA LYS B 169 -3.04 -5.83 -15.35
C LYS B 169 -2.47 -5.07 -16.54
N ASP B 170 -2.22 -3.75 -16.42
CA ASP B 170 -1.71 -2.97 -17.56
C ASP B 170 -0.47 -2.11 -17.30
N SER B 171 0.15 -2.24 -16.11
CA SER B 171 1.35 -1.51 -15.68
C SER B 171 1.19 0.04 -15.64
N THR B 172 -0.06 0.53 -15.46
CA THR B 172 -0.30 1.97 -15.40
C THR B 172 -0.48 2.48 -13.97
N TYR B 173 -0.64 3.80 -13.85
CA TYR B 173 -0.91 4.50 -12.60
C TYR B 173 -2.21 5.26 -12.74
N SER B 174 -2.85 5.57 -11.62
CA SER B 174 -4.06 6.38 -11.60
C SER B 174 -3.86 7.45 -10.53
N LEU B 175 -4.44 8.64 -10.75
CA LEU B 175 -4.27 9.78 -9.85
C LEU B 175 -5.61 10.42 -9.50
N SER B 176 -5.76 10.78 -8.22
CA SER B 176 -6.95 11.47 -7.70
C SER B 176 -6.51 12.78 -7.08
N SER B 177 -7.12 13.88 -7.50
CA SER B 177 -6.85 15.22 -6.97
C SER B 177 -8.14 15.80 -6.42
N THR B 178 -8.11 16.27 -5.16
CA THR B 178 -9.29 16.85 -4.51
C THR B 178 -9.08 18.31 -4.17
N LEU B 179 -9.93 19.19 -4.72
CA LEU B 179 -9.94 20.63 -4.46
C LEU B 179 -10.90 20.86 -3.30
N THR B 180 -10.40 21.45 -2.20
CA THR B 180 -11.21 21.71 -1.01
C THR B 180 -11.45 23.20 -0.79
N LEU B 181 -12.72 23.57 -0.61
CA LEU B 181 -13.21 24.92 -0.35
C LEU B 181 -14.56 24.87 0.36
N SER B 182 -14.88 25.92 1.14
CA SER B 182 -16.15 26.03 1.87
C SER B 182 -17.33 26.14 0.90
N LYS B 183 -18.56 25.78 1.36
CA LYS B 183 -19.77 25.87 0.52
C LYS B 183 -20.01 27.31 0.08
N ALA B 184 -19.79 28.29 1.00
CA ALA B 184 -19.94 29.72 0.75
C ALA B 184 -19.04 30.17 -0.41
N ASP B 185 -17.77 29.71 -0.44
CA ASP B 185 -16.82 30.00 -1.51
C ASP B 185 -17.17 29.24 -2.79
N TYR B 186 -17.76 28.04 -2.66
CA TYR B 186 -18.19 27.21 -3.80
C TYR B 186 -19.34 27.85 -4.58
N GLU B 187 -20.30 28.49 -3.88
CA GLU B 187 -21.46 29.13 -4.48
C GLU B 187 -21.14 30.48 -5.15
N LYS B 188 -19.97 31.07 -4.85
CA LYS B 188 -19.52 32.35 -5.41
C LYS B 188 -19.08 32.21 -6.87
N HIS B 189 -18.57 31.04 -7.26
CA HIS B 189 -18.05 30.78 -8.60
C HIS B 189 -18.90 29.82 -9.44
N LYS B 190 -18.72 29.87 -10.78
CA LYS B 190 -19.47 29.04 -11.74
C LYS B 190 -18.62 27.94 -12.41
N VAL B 191 -17.46 28.32 -12.99
CA VAL B 191 -16.58 27.39 -13.73
C VAL B 191 -15.49 26.75 -12.84
N TYR B 192 -15.47 25.42 -12.79
CA TYR B 192 -14.50 24.61 -12.06
C TYR B 192 -13.83 23.67 -13.04
N ALA B 193 -12.55 23.91 -13.33
CA ALA B 193 -11.79 23.15 -14.31
C ALA B 193 -10.55 22.46 -13.74
N CYS B 194 -10.27 21.25 -14.26
CA CYS B 194 -9.09 20.46 -13.94
C CYS B 194 -8.25 20.36 -15.20
N GLU B 195 -7.05 20.94 -15.19
CA GLU B 195 -6.12 20.92 -16.33
C GLU B 195 -5.02 19.89 -16.09
N VAL B 196 -4.88 18.95 -17.02
CA VAL B 196 -3.94 17.85 -16.94
C VAL B 196 -2.81 17.95 -17.95
N THR B 197 -1.57 17.91 -17.47
CA THR B 197 -0.36 17.90 -18.29
C THR B 197 0.31 16.54 -18.07
N HIS B 198 0.56 15.80 -19.18
CA HIS B 198 1.17 14.47 -19.16
C HIS B 198 1.86 14.21 -20.49
N GLN B 199 2.95 13.40 -20.47
CA GLN B 199 3.75 13.02 -21.63
C GLN B 199 2.93 12.39 -22.78
N GLY B 200 1.86 11.67 -22.44
CA GLY B 200 0.98 11.00 -23.40
C GLY B 200 0.02 11.93 -24.12
N LEU B 201 -0.08 13.19 -23.67
CA LEU B 201 -0.97 14.20 -24.26
C LEU B 201 -0.16 15.21 -25.04
N SER B 202 -0.53 15.43 -26.32
CA SER B 202 0.13 16.39 -27.23
C SER B 202 -0.02 17.83 -26.72
N SER B 203 -1.16 18.11 -26.05
CA SER B 203 -1.48 19.39 -25.44
C SER B 203 -2.26 19.12 -24.15
N PRO B 204 -2.22 19.99 -23.11
CA PRO B 204 -2.96 19.70 -21.88
C PRO B 204 -4.46 19.59 -22.07
N VAL B 205 -5.07 18.61 -21.37
CA VAL B 205 -6.50 18.34 -21.43
C VAL B 205 -7.20 18.98 -20.24
N THR B 206 -8.30 19.68 -20.50
CA THR B 206 -9.10 20.34 -19.47
C THR B 206 -10.51 19.76 -19.42
N LYS B 207 -10.93 19.36 -18.21
CA LYS B 207 -12.26 18.85 -17.93
C LYS B 207 -12.93 19.83 -16.98
N SER B 208 -14.11 20.33 -17.34
CA SER B 208 -14.82 21.34 -16.54
C SER B 208 -16.33 21.10 -16.45
N PHE B 209 -16.99 21.84 -15.54
CA PHE B 209 -18.43 21.80 -15.34
C PHE B 209 -18.95 23.15 -14.86
N ASN B 210 -20.24 23.43 -15.15
CA ASN B 210 -20.93 24.63 -14.70
C ASN B 210 -21.85 24.21 -13.56
N ARG B 211 -21.62 24.77 -12.36
CA ARG B 211 -22.33 24.51 -11.10
C ARG B 211 -23.86 24.39 -11.22
N GLY B 212 -24.48 25.28 -11.99
CA GLY B 212 -25.92 25.29 -12.23
C GLY B 212 -26.36 24.27 -13.26
#